data_2H02
#
_entry.id   2H02
#
_cell.length_a   62.144
_cell.length_b   71.724
_cell.length_c   70.297
_cell.angle_alpha   90.00
_cell.angle_beta   93.41
_cell.angle_gamma   90.00
#
_symmetry.space_group_name_H-M   'P 1 21 1'
#
loop_
_entity.id
_entity.type
_entity.pdbx_description
1 polymer 'Protein tyrosine phosphatase, receptor type, B,'
2 non-polymer '{4-[2-BENZYL-3-METHOXY-2-(METHOXYCARBONYL)-3-OXOPROPYL]PHENYL}SULFAMIC ACID'
3 water water
#
_entity_poly.entity_id   1
_entity_poly.type   'polypeptide(L)'
_entity_poly.pdbx_seq_one_letter_code
;SDRPLSVHLNLGQKGNRKTSCPIKINQFEGHFMKLQADSNYLLSKEYEELKDVGRNQSCDIALLPENRGKNRYNNILPYD
ATRVKLSNVDDDPCSDYINASYIPGNNFRREYIVTQGPLPGTKDDFWKMVWEQNVHNIVMVTQCVEKGRVKCDHYWPADQ
DSLYYGDLILQMLSESVLPEWTIREFKICGEEQLDAHRLIRHFHYTVWPDHGVPETTQSLIQFVRTVRDYINRSPGAGPT
VVHCSAGVGRTGTFIALDRILQQLDSKDSVDIYGAVHDLRLHRVHMVQTECQYVYLHQCVRDVLRARKLRSEQ
;
_entity_poly.pdbx_strand_id   A,B
#
# COMPACT_ATOMS: atom_id res chain seq x y z
N LYS A 18 -18.58 -17.71 -24.72
CA LYS A 18 -17.34 -16.90 -24.45
C LYS A 18 -16.12 -17.66 -23.90
N THR A 19 -14.93 -17.06 -24.00
CA THR A 19 -13.69 -17.75 -24.32
C THR A 19 -12.78 -16.58 -24.74
N SER A 20 -11.53 -16.53 -24.32
CA SER A 20 -10.74 -15.35 -24.65
C SER A 20 -11.41 -13.97 -24.66
N CYS A 21 -10.93 -13.09 -23.80
CA CYS A 21 -11.19 -11.67 -23.97
C CYS A 21 -9.88 -10.86 -24.17
N PRO A 22 -9.37 -10.84 -25.41
CA PRO A 22 -8.06 -10.25 -25.75
C PRO A 22 -8.00 -8.72 -25.69
N ILE A 23 -7.00 -8.20 -24.99
CA ILE A 23 -6.85 -6.75 -24.83
C ILE A 23 -5.51 -6.34 -25.42
N LYS A 24 -5.59 -5.51 -26.43
CA LYS A 24 -4.57 -4.52 -26.77
C LYS A 24 -3.79 -4.01 -25.56
N ILE A 25 -2.47 -4.13 -25.64
CA ILE A 25 -1.57 -3.49 -24.69
C ILE A 25 -1.87 -2.01 -24.35
N ASN A 26 -2.14 -1.18 -25.36
CA ASN A 26 -2.30 0.27 -25.14
C ASN A 26 -3.64 0.55 -24.42
N GLN A 27 -4.55 -0.42 -24.53
CA GLN A 27 -5.86 -0.29 -23.91
C GLN A 27 -5.99 -0.89 -22.52
N PHE A 28 -4.97 -1.60 -22.08
CA PHE A 28 -5.10 -2.43 -20.89
C PHE A 28 -5.43 -1.63 -19.63
N GLU A 29 -4.64 -0.59 -19.35
CA GLU A 29 -4.84 0.31 -18.21
C GLU A 29 -6.25 0.85 -18.04
N GLY A 30 -6.79 1.42 -19.11
CA GLY A 30 -8.15 1.91 -19.09
C GLY A 30 -9.16 0.80 -18.85
N HIS A 31 -8.95 -0.32 -19.55
CA HIS A 31 -9.81 -1.50 -19.47
C HIS A 31 -9.85 -2.01 -18.03
N PHE A 32 -8.68 -2.15 -17.44
CA PHE A 32 -8.56 -2.45 -16.01
C PHE A 32 -9.26 -1.48 -15.04
N MET A 33 -9.07 -0.18 -15.23
CA MET A 33 -9.96 0.84 -14.64
C MET A 33 -11.47 0.70 -14.73
N LYS A 34 -11.97 0.41 -15.93
CA LYS A 34 -13.38 0.06 -16.14
C LYS A 34 -13.86 -1.10 -15.26
N LEU A 35 -13.10 -2.19 -15.30
CA LEU A 35 -13.41 -3.39 -14.54
C LEU A 35 -13.39 -3.04 -13.06
N GLN A 36 -12.46 -2.18 -12.69
CA GLN A 36 -12.27 -1.68 -11.34
C GLN A 36 -13.30 -0.69 -10.80
N ALA A 37 -13.97 0.04 -11.70
CA ALA A 37 -15.04 0.98 -11.34
C ALA A 37 -16.24 0.37 -10.61
N ASP A 38 -16.88 1.21 -9.79
CA ASP A 38 -17.98 0.83 -8.90
C ASP A 38 -17.75 -0.42 -8.03
N SER A 39 -16.71 -0.37 -7.21
CA SER A 39 -16.35 -1.48 -6.34
C SER A 39 -16.16 -2.79 -7.12
N ASN A 40 -15.35 -2.73 -8.18
CA ASN A 40 -14.95 -3.89 -8.97
C ASN A 40 -16.11 -4.59 -9.67
N TYR A 41 -17.08 -3.81 -10.14
CA TYR A 41 -18.36 -4.31 -10.63
C TYR A 41 -18.27 -5.18 -11.89
N LEU A 42 -17.54 -4.68 -12.88
CA LEU A 42 -17.38 -5.36 -14.15
C LEU A 42 -16.42 -6.55 -14.04
N LEU A 43 -15.32 -6.36 -13.30
CA LEU A 43 -14.43 -7.44 -12.88
C LEU A 43 -15.18 -8.57 -12.17
N SER A 44 -16.11 -8.25 -11.28
CA SER A 44 -16.89 -9.27 -10.61
C SER A 44 -17.78 -10.03 -11.59
N LYS A 45 -18.35 -9.28 -12.52
CA LYS A 45 -19.14 -9.86 -13.61
C LYS A 45 -18.27 -10.82 -14.42
N GLU A 46 -17.10 -10.33 -14.82
CA GLU A 46 -16.13 -11.08 -15.63
C GLU A 46 -15.71 -12.39 -14.96
N TYR A 47 -15.14 -12.32 -13.76
CA TYR A 47 -14.65 -13.48 -13.03
C TYR A 47 -15.76 -14.51 -12.91
N GLU A 48 -16.98 -13.99 -12.94
CA GLU A 48 -18.19 -14.78 -12.79
C GLU A 48 -18.58 -15.57 -14.05
N GLU A 49 -18.27 -15.05 -15.23
CA GLU A 49 -18.50 -15.78 -16.49
C GLU A 49 -17.71 -17.10 -16.57
N LEU A 50 -16.56 -17.09 -15.92
CA LEU A 50 -15.72 -18.27 -15.85
C LEU A 50 -16.26 -19.30 -14.87
N LYS A 51 -17.30 -18.98 -14.12
CA LYS A 51 -17.72 -19.86 -13.03
C LYS A 51 -18.04 -21.27 -13.50
N ASP A 52 -18.69 -21.38 -14.66
CA ASP A 52 -19.30 -22.62 -15.16
C ASP A 52 -18.43 -23.36 -16.17
N VAL A 53 -17.28 -22.77 -16.48
CA VAL A 53 -16.38 -23.36 -17.46
C VAL A 53 -15.89 -24.73 -16.98
N GLY A 54 -16.15 -25.76 -17.79
CA GLY A 54 -15.62 -27.08 -17.51
C GLY A 54 -16.56 -27.91 -16.66
N ARG A 55 -17.72 -27.36 -16.30
CA ARG A 55 -18.53 -27.92 -15.21
CA ARG A 55 -18.52 -27.93 -15.21
C ARG A 55 -19.30 -29.15 -15.67
N ASN A 56 -19.24 -29.41 -16.97
CA ASN A 56 -19.85 -30.57 -17.62
C ASN A 56 -19.09 -31.85 -17.32
N GLN A 57 -17.87 -31.74 -16.80
CA GLN A 57 -16.99 -32.90 -16.66
C GLN A 57 -17.04 -33.67 -15.33
N SER A 58 -16.97 -34.97 -15.49
CA SER A 58 -17.02 -35.85 -14.35
C SER A 58 -15.66 -36.17 -13.72
N CYS A 59 -15.72 -36.61 -12.46
CA CYS A 59 -14.54 -37.01 -11.69
CA CYS A 59 -14.52 -37.05 -11.75
C CYS A 59 -14.72 -38.40 -11.08
N ASP A 60 -15.28 -39.33 -11.85
CA ASP A 60 -15.61 -40.64 -11.34
C ASP A 60 -14.40 -41.42 -10.86
N ILE A 61 -13.25 -41.30 -11.51
CA ILE A 61 -12.11 -42.12 -11.08
C ILE A 61 -11.58 -41.71 -9.71
N ALA A 62 -11.51 -40.41 -9.46
CA ALA A 62 -11.03 -39.82 -8.21
C ALA A 62 -11.95 -40.18 -7.03
N LEU A 63 -13.18 -40.51 -7.43
CA LEU A 63 -14.21 -40.99 -6.51
C LEU A 63 -14.22 -42.49 -6.26
N LEU A 64 -13.42 -43.27 -6.97
CA LEU A 64 -13.45 -44.67 -6.68
C LEU A 64 -13.08 -44.84 -5.20
N PRO A 65 -13.75 -45.78 -4.48
CA PRO A 65 -13.35 -46.15 -3.11
C PRO A 65 -11.85 -46.33 -2.87
N GLU A 66 -11.15 -47.07 -3.72
CA GLU A 66 -9.72 -47.29 -3.57
C GLU A 66 -8.86 -46.00 -3.57
N ASN A 67 -9.37 -44.94 -4.20
CA ASN A 67 -8.66 -43.66 -4.34
C ASN A 67 -8.99 -42.64 -3.25
N ARG A 68 -9.95 -42.92 -2.39
CA ARG A 68 -10.41 -41.92 -1.43
C ARG A 68 -9.26 -41.26 -0.65
N GLY A 69 -8.40 -42.05 0.00
CA GLY A 69 -7.23 -41.57 0.76
C GLY A 69 -6.15 -40.83 -0.06
N LYS A 70 -6.34 -40.85 -1.38
CA LYS A 70 -5.36 -40.23 -2.26
C LYS A 70 -5.69 -38.80 -2.63
N ASN A 71 -6.80 -38.28 -2.15
CA ASN A 71 -7.16 -36.90 -2.40
C ASN A 71 -6.98 -36.14 -1.11
N ARG A 72 -6.30 -35.01 -1.16
CA ARG A 72 -6.09 -34.17 0.01
C ARG A 72 -7.41 -33.51 0.49
N TYR A 73 -8.26 -33.12 -0.48
CA TYR A 73 -9.55 -32.50 -0.27
C TYR A 73 -10.55 -33.30 -1.09
N ASN A 74 -11.65 -33.67 -0.45
CA ASN A 74 -12.60 -34.55 -1.08
C ASN A 74 -13.41 -33.88 -2.18
N ASN A 75 -13.35 -32.55 -2.24
CA ASN A 75 -14.10 -31.81 -3.26
C ASN A 75 -13.18 -31.13 -4.28
N ILE A 76 -11.93 -31.56 -4.29
CA ILE A 76 -10.99 -31.03 -5.28
C ILE A 76 -10.31 -32.21 -5.96
N LEU A 77 -10.78 -32.53 -7.16
CA LEU A 77 -10.52 -33.85 -7.74
C LEU A 77 -10.34 -33.50 -9.19
N PRO A 78 -9.51 -34.28 -9.89
CA PRO A 78 -9.24 -34.04 -11.30
C PRO A 78 -10.42 -34.56 -12.14
N TYR A 79 -10.80 -33.86 -13.20
CA TYR A 79 -11.62 -34.40 -14.30
C TYR A 79 -11.07 -35.71 -14.91
N ASP A 80 -11.91 -36.73 -15.07
CA ASP A 80 -11.42 -37.94 -15.72
C ASP A 80 -10.77 -37.68 -17.07
N ALA A 81 -11.39 -36.81 -17.88
CA ALA A 81 -10.91 -36.50 -19.23
C ALA A 81 -9.48 -35.94 -19.24
N THR A 82 -8.98 -35.34 -18.16
CA THR A 82 -7.69 -34.64 -18.28
C THR A 82 -6.68 -35.02 -17.21
N ARG A 83 -6.93 -36.10 -16.47
CA ARG A 83 -6.13 -36.47 -15.32
C ARG A 83 -4.84 -37.12 -15.76
N VAL A 84 -3.77 -36.98 -14.98
CA VAL A 84 -2.52 -37.71 -15.18
C VAL A 84 -2.62 -39.16 -14.68
N LYS A 85 -2.26 -40.11 -15.54
CA LYS A 85 -2.34 -41.50 -15.11
C LYS A 85 -0.93 -42.01 -14.80
N LEU A 86 -0.80 -42.72 -13.68
CA LEU A 86 0.43 -43.44 -13.36
C LEU A 86 0.46 -44.70 -14.24
N SER A 87 1.62 -45.13 -14.71
CA SER A 87 1.67 -46.38 -15.48
C SER A 87 1.29 -47.62 -14.66
N SER A 95 -5.03 -47.75 -9.19
CA SER A 95 -3.57 -47.82 -9.05
C SER A 95 -2.85 -47.03 -10.14
N ASP A 96 -3.61 -46.57 -11.12
CA ASP A 96 -3.10 -45.52 -12.00
C ASP A 96 -3.41 -44.08 -11.54
N TYR A 97 -4.05 -43.96 -10.38
CA TYR A 97 -4.65 -42.74 -9.85
C TYR A 97 -3.64 -41.85 -9.13
N ILE A 98 -3.46 -40.64 -9.68
CA ILE A 98 -2.91 -39.56 -8.88
C ILE A 98 -3.83 -38.32 -9.01
N ASN A 99 -3.97 -37.55 -7.94
CA ASN A 99 -4.71 -36.30 -8.09
C ASN A 99 -3.86 -35.30 -8.84
N ALA A 100 -3.92 -35.38 -10.19
CA ALA A 100 -3.13 -34.48 -11.02
C ALA A 100 -3.78 -34.33 -12.37
N SER A 101 -3.53 -33.21 -13.04
CA SER A 101 -4.21 -32.83 -14.28
C SER A 101 -3.17 -32.29 -15.25
N TYR A 102 -3.28 -32.63 -16.54
CA TYR A 102 -2.49 -31.95 -17.57
C TYR A 102 -3.13 -30.61 -17.98
N ILE A 103 -2.33 -29.59 -18.27
CA ILE A 103 -2.82 -28.25 -18.47
C ILE A 103 -2.04 -27.74 -19.67
N PRO A 104 -2.74 -27.19 -20.67
CA PRO A 104 -2.07 -26.49 -21.76
C PRO A 104 -1.42 -25.16 -21.36
N GLY A 105 -0.33 -24.82 -22.05
CA GLY A 105 0.18 -23.45 -21.92
C GLY A 105 0.19 -22.66 -23.21
N ASN A 106 0.96 -21.57 -23.22
CA ASN A 106 0.99 -20.70 -24.38
CA ASN A 106 1.08 -20.67 -24.36
C ASN A 106 1.44 -21.49 -25.60
N ASN A 107 2.19 -22.58 -25.36
CA ASN A 107 3.03 -23.18 -26.39
C ASN A 107 2.67 -24.60 -26.77
N PHE A 108 2.17 -25.38 -25.82
CA PHE A 108 1.82 -26.77 -26.10
C PHE A 108 0.73 -27.25 -25.16
N ARG A 109 0.01 -28.28 -25.57
CA ARG A 109 -1.04 -28.90 -24.75
C ARG A 109 -0.64 -29.64 -23.49
N ARG A 110 0.54 -30.25 -23.41
CA ARG A 110 0.76 -30.79 -22.03
C ARG A 110 1.91 -30.01 -21.42
N GLU A 111 1.70 -28.70 -21.35
CA GLU A 111 2.78 -27.85 -20.93
C GLU A 111 3.03 -27.95 -19.42
N TYR A 112 1.97 -28.16 -18.65
CA TYR A 112 2.07 -28.31 -17.20
C TYR A 112 1.39 -29.56 -16.68
N ILE A 113 1.86 -30.11 -15.56
CA ILE A 113 1.03 -31.05 -14.83
C ILE A 113 0.74 -30.30 -13.54
N VAL A 114 -0.53 -30.33 -13.12
CA VAL A 114 -0.89 -29.52 -11.99
C VAL A 114 -1.30 -30.57 -10.98
N THR A 115 -0.91 -30.39 -9.71
CA THR A 115 -1.26 -31.47 -8.81
C THR A 115 -1.59 -30.85 -7.47
N GLN A 116 -2.24 -31.61 -6.60
CA GLN A 116 -2.29 -31.26 -5.18
C GLN A 116 -0.93 -31.32 -4.48
N GLY A 117 -0.78 -30.71 -3.31
CA GLY A 117 0.35 -30.99 -2.45
C GLY A 117 0.33 -32.43 -2.01
N PRO A 118 1.41 -33.19 -2.30
CA PRO A 118 1.48 -34.58 -1.86
C PRO A 118 1.19 -34.79 -0.38
N LEU A 119 0.59 -35.95 -0.12
CA LEU A 119 0.19 -36.39 1.21
C LEU A 119 1.28 -37.36 1.64
N PRO A 120 1.41 -37.61 2.96
CA PRO A 120 2.43 -38.63 3.28
C PRO A 120 2.23 -39.93 2.45
N GLY A 121 0.98 -40.30 2.18
CA GLY A 121 0.70 -41.56 1.52
C GLY A 121 0.70 -41.45 0.00
N THR A 122 0.87 -40.28 -0.60
CA THR A 122 0.91 -40.15 -2.06
C THR A 122 2.25 -39.66 -2.62
N LYS A 123 3.20 -39.31 -1.76
CA LYS A 123 4.50 -38.85 -2.21
C LYS A 123 5.33 -39.76 -3.12
N ASP A 124 5.32 -41.08 -2.85
CA ASP A 124 5.85 -42.04 -3.83
C ASP A 124 5.13 -42.00 -5.20
N ASP A 125 3.82 -41.83 -5.21
CA ASP A 125 3.12 -41.70 -6.50
C ASP A 125 3.52 -40.41 -7.22
N PHE A 126 3.75 -39.37 -6.44
CA PHE A 126 4.04 -38.08 -7.02
C PHE A 126 5.41 -38.21 -7.68
N TRP A 127 6.39 -38.82 -7.01
CA TRP A 127 7.74 -38.93 -7.55
C TRP A 127 7.74 -39.93 -8.70
N LYS A 128 6.92 -40.96 -8.57
CA LYS A 128 6.68 -41.86 -9.71
C LYS A 128 6.14 -41.15 -10.96
N MET A 129 5.16 -40.29 -10.74
CA MET A 129 4.76 -39.38 -11.80
C MET A 129 5.86 -38.49 -12.35
N VAL A 130 6.68 -37.89 -11.49
CA VAL A 130 7.75 -37.00 -11.96
C VAL A 130 8.70 -37.81 -12.86
N TRP A 131 9.03 -39.02 -12.41
CA TRP A 131 9.88 -39.90 -13.20
C TRP A 131 9.26 -40.32 -14.53
N GLU A 132 8.04 -40.85 -14.55
CA GLU A 132 7.47 -41.39 -15.77
C GLU A 132 7.22 -40.33 -16.84
N GLN A 133 6.94 -39.09 -16.41
CA GLN A 133 6.48 -38.02 -17.28
C GLN A 133 7.67 -37.15 -17.63
N ASN A 134 8.88 -37.53 -17.23
CA ASN A 134 10.06 -36.84 -17.74
C ASN A 134 10.14 -35.41 -17.26
N VAL A 135 9.69 -35.11 -16.06
CA VAL A 135 9.63 -33.73 -15.56
C VAL A 135 11.04 -33.35 -15.05
N HIS A 136 11.53 -32.16 -15.39
CA HIS A 136 12.84 -31.66 -14.90
C HIS A 136 12.61 -30.47 -13.95
N ASN A 137 11.39 -29.94 -13.89
CA ASN A 137 11.10 -28.72 -13.15
C ASN A 137 9.79 -28.85 -12.38
N ILE A 138 9.86 -28.51 -11.11
CA ILE A 138 8.71 -28.53 -10.21
C ILE A 138 8.56 -27.16 -9.54
N VAL A 139 7.35 -26.61 -9.53
CA VAL A 139 7.17 -25.32 -8.92
C VAL A 139 6.23 -25.56 -7.76
N MET A 140 6.64 -25.09 -6.57
CA MET A 140 5.78 -25.28 -5.41
C MET A 140 5.38 -23.87 -4.93
N VAL A 141 4.08 -23.54 -4.85
CA VAL A 141 3.72 -22.20 -4.44
C VAL A 141 2.82 -22.23 -3.23
N THR A 142 3.13 -23.16 -2.32
CA THR A 142 2.54 -23.30 -0.99
C THR A 142 3.70 -23.47 0.01
N GLN A 143 3.52 -23.08 1.26
CA GLN A 143 4.25 -23.72 2.36
C GLN A 143 3.58 -25.00 2.82
N CYS A 144 4.37 -25.88 3.43
CA CYS A 144 3.90 -27.17 3.89
C CYS A 144 2.86 -26.98 5.00
N VAL A 145 3.05 -25.96 5.82
CA VAL A 145 2.12 -25.65 6.90
C VAL A 145 2.07 -24.15 6.90
N GLU A 146 0.88 -23.58 6.99
CA GLU A 146 0.80 -22.14 7.11
C GLU A 146 0.04 -21.83 8.38
N LYS A 147 0.71 -21.14 9.31
CA LYS A 147 0.05 -20.73 10.57
C LYS A 147 -0.52 -21.99 11.26
N GLY A 148 0.24 -23.08 11.25
CA GLY A 148 -0.32 -24.29 11.80
C GLY A 148 -1.26 -25.18 11.00
N ARG A 149 -1.93 -24.72 9.93
CA ARG A 149 -2.81 -25.58 9.12
C ARG A 149 -1.99 -26.31 8.05
N VAL A 150 -2.14 -27.62 7.93
CA VAL A 150 -1.29 -28.42 7.08
C VAL A 150 -1.71 -28.10 5.63
N LYS A 151 -0.79 -28.02 4.68
CA LYS A 151 -1.11 -27.58 3.32
C LYS A 151 -0.49 -28.65 2.43
N CYS A 152 0.62 -29.23 2.88
CA CYS A 152 1.41 -30.02 1.92
C CYS A 152 2.42 -30.84 2.73
N ASP A 153 2.64 -32.09 2.35
CA ASP A 153 3.66 -32.83 3.05
C ASP A 153 5.01 -32.32 2.54
N HIS A 154 6.01 -32.47 3.40
CA HIS A 154 7.41 -32.15 3.12
C HIS A 154 7.95 -33.35 2.33
N TYR A 155 7.64 -33.41 1.04
CA TYR A 155 7.78 -34.66 0.32
C TYR A 155 9.15 -34.86 -0.31
N TRP A 156 10.10 -33.95 -0.04
CA TRP A 156 11.47 -34.10 -0.45
C TRP A 156 12.28 -34.24 0.82
N PRO A 157 13.56 -34.69 0.74
CA PRO A 157 14.42 -34.88 1.93
C PRO A 157 14.81 -33.62 2.73
N ALA A 158 14.75 -33.69 4.05
CA ALA A 158 15.24 -32.60 4.90
C ALA A 158 16.54 -31.90 4.48
N ASP A 159 17.52 -32.61 3.93
CA ASP A 159 18.91 -32.16 3.77
C ASP A 159 19.60 -33.02 2.71
N GLN A 160 20.93 -33.09 2.74
CA GLN A 160 21.70 -33.87 1.76
C GLN A 160 21.60 -35.41 1.85
N ASP A 161 20.97 -35.92 2.91
CA ASP A 161 20.85 -37.37 3.01
CA ASP A 161 20.72 -37.34 3.11
C ASP A 161 19.85 -37.86 1.97
N SER A 162 20.20 -38.97 1.31
CA SER A 162 19.27 -39.66 0.39
C SER A 162 18.11 -40.43 1.02
N LEU A 163 17.05 -40.58 0.26
CA LEU A 163 15.87 -41.29 0.79
C LEU A 163 15.31 -42.04 -0.41
N TYR A 164 14.77 -43.23 -0.17
CA TYR A 164 13.83 -43.81 -1.12
C TYR A 164 12.42 -43.23 -1.13
N TYR A 165 11.79 -43.16 -2.31
CA TYR A 165 10.35 -42.97 -2.51
C TYR A 165 9.91 -44.08 -3.47
N GLY A 166 9.23 -45.12 -2.99
CA GLY A 166 8.93 -46.30 -3.79
C GLY A 166 10.19 -46.97 -4.34
N ASP A 167 10.33 -46.96 -5.67
CA ASP A 167 11.47 -47.60 -6.34
C ASP A 167 12.52 -46.62 -6.83
N LEU A 168 12.36 -45.37 -6.42
CA LEU A 168 13.29 -44.31 -6.78
C LEU A 168 14.13 -43.98 -5.56
N ILE A 169 15.34 -43.46 -5.78
CA ILE A 169 16.19 -42.92 -4.74
C ILE A 169 16.37 -41.51 -5.21
N LEU A 170 16.31 -40.60 -4.25
CA LEU A 170 16.46 -39.16 -4.44
C LEU A 170 17.53 -38.62 -3.48
N GLN A 171 18.39 -37.75 -4.00
CA GLN A 171 19.35 -37.02 -3.16
C GLN A 171 19.18 -35.52 -3.41
N MET A 172 19.06 -34.70 -2.37
CA MET A 172 19.16 -33.27 -2.57
C MET A 172 20.61 -32.81 -2.79
N LEU A 173 20.91 -32.33 -3.99
CA LEU A 173 22.25 -31.80 -4.30
C LEU A 173 22.53 -30.39 -3.78
N SER A 174 21.52 -29.54 -3.68
CA SER A 174 21.80 -28.13 -3.47
C SER A 174 20.49 -27.52 -3.04
N GLU A 175 20.59 -26.53 -2.16
CA GLU A 175 19.44 -25.80 -1.66
C GLU A 175 19.78 -24.31 -1.43
N SER A 176 19.44 -23.42 -2.37
CA SER A 176 19.63 -21.97 -2.17
C SER A 176 18.37 -21.25 -1.74
N VAL A 177 18.39 -20.75 -0.51
CA VAL A 177 17.32 -19.96 0.08
C VAL A 177 17.47 -18.51 -0.35
N LEU A 178 16.36 -17.94 -0.80
CA LEU A 178 16.34 -16.50 -1.02
C LEU A 178 15.23 -15.94 -0.16
N PRO A 179 15.13 -14.62 -0.10
CA PRO A 179 14.09 -14.16 0.82
C PRO A 179 12.70 -14.69 0.48
N GLU A 180 12.43 -14.91 -0.81
CA GLU A 180 11.05 -15.24 -1.17
C GLU A 180 10.82 -16.56 -1.88
N TRP A 181 11.91 -17.21 -2.25
CA TRP A 181 11.84 -18.57 -2.72
C TRP A 181 13.15 -19.31 -2.49
N THR A 182 13.03 -20.63 -2.56
CA THR A 182 14.18 -21.51 -2.38
C THR A 182 14.26 -22.42 -3.62
N ILE A 183 15.45 -22.55 -4.19
CA ILE A 183 15.72 -23.41 -5.34
C ILE A 183 16.56 -24.60 -4.85
N ARG A 184 16.04 -25.82 -5.02
CA ARG A 184 16.70 -27.07 -4.71
C ARG A 184 16.96 -27.84 -5.98
N GLU A 185 17.97 -28.68 -5.96
CA GLU A 185 18.14 -29.57 -7.10
C GLU A 185 18.15 -30.97 -6.52
N PHE A 186 17.42 -31.87 -7.17
CA PHE A 186 17.41 -33.26 -6.76
C PHE A 186 17.98 -34.17 -7.86
N LYS A 187 18.55 -35.27 -7.40
CA LYS A 187 19.07 -36.28 -8.30
C LYS A 187 18.17 -37.48 -8.02
N ILE A 188 17.60 -38.06 -9.08
CA ILE A 188 16.70 -39.20 -8.99
C ILE A 188 17.30 -40.39 -9.74
N CYS A 189 17.35 -41.56 -9.09
CA CYS A 189 17.80 -42.83 -9.66
C CYS A 189 16.60 -43.78 -9.82
N GLY A 190 16.32 -44.17 -11.07
CA GLY A 190 15.10 -44.89 -11.41
C GLY A 190 15.41 -46.22 -12.07
N GLU A 191 14.44 -46.77 -12.80
CA GLU A 191 14.44 -48.14 -13.35
C GLU A 191 14.95 -48.23 -14.78
N HIS A 197 19.65 -41.12 -14.11
CA HIS A 197 20.45 -39.90 -13.92
C HIS A 197 19.78 -38.55 -14.22
N ARG A 198 18.57 -38.36 -13.74
CA ARG A 198 17.91 -37.07 -13.96
C ARG A 198 18.17 -36.05 -12.84
N LEU A 199 18.40 -34.79 -13.24
CA LEU A 199 18.40 -33.63 -12.34
C LEU A 199 17.09 -32.87 -12.42
N ILE A 200 16.45 -32.72 -11.26
CA ILE A 200 15.13 -32.09 -11.08
C ILE A 200 15.35 -30.77 -10.34
N ARG A 201 14.75 -29.69 -10.81
CA ARG A 201 14.92 -28.44 -10.13
C ARG A 201 13.57 -28.20 -9.51
N HIS A 202 13.61 -27.76 -8.26
CA HIS A 202 12.41 -27.46 -7.50
C HIS A 202 12.49 -25.99 -7.10
N PHE A 203 11.40 -25.29 -7.41
CA PHE A 203 11.26 -23.85 -7.31
C PHE A 203 10.16 -23.63 -6.28
N HIS A 204 10.55 -23.18 -5.09
CA HIS A 204 9.64 -23.07 -3.98
C HIS A 204 9.41 -21.63 -3.54
N TYR A 205 8.26 -21.08 -3.92
CA TYR A 205 7.90 -19.73 -3.54
C TYR A 205 7.21 -19.79 -2.16
N THR A 206 7.67 -19.03 -1.19
CA THR A 206 7.35 -19.39 0.19
C THR A 206 6.47 -18.33 0.87
N VAL A 207 6.10 -17.28 0.15
CA VAL A 207 5.36 -16.22 0.79
C VAL A 207 4.04 -15.93 0.06
N TRP A 208 3.33 -16.98 -0.31
CA TRP A 208 2.02 -16.86 -0.96
C TRP A 208 0.92 -17.48 -0.10
N PRO A 209 0.20 -16.61 0.67
CA PRO A 209 -0.84 -17.10 1.57
C PRO A 209 -1.97 -17.92 0.88
N ASP A 210 -2.34 -19.09 1.42
CA ASP A 210 -3.45 -19.81 0.83
C ASP A 210 -4.68 -18.93 0.58
N HIS A 211 -5.35 -19.16 -0.54
CA HIS A 211 -6.56 -18.38 -0.91
C HIS A 211 -6.30 -16.89 -1.13
N GLY A 212 -5.05 -16.44 -0.93
CA GLY A 212 -4.69 -15.04 -1.07
C GLY A 212 -3.73 -14.81 -2.21
N VAL A 213 -2.98 -13.73 -2.11
CA VAL A 213 -2.12 -13.23 -3.17
C VAL A 213 -0.86 -12.79 -2.44
N PRO A 214 0.29 -12.76 -3.13
CA PRO A 214 1.53 -12.27 -2.55
C PRO A 214 1.43 -10.77 -2.21
N GLU A 215 2.24 -10.31 -1.26
CA GLU A 215 2.15 -8.92 -0.80
CA GLU A 215 2.28 -8.93 -0.78
C GLU A 215 2.44 -7.95 -1.96
N THR A 216 3.24 -8.36 -2.94
CA THR A 216 3.44 -7.58 -4.17
C THR A 216 3.35 -8.31 -5.52
N THR A 217 3.13 -7.54 -6.58
CA THR A 217 3.16 -8.01 -7.97
C THR A 217 4.60 -8.38 -8.37
N GLN A 218 5.55 -7.56 -7.95
CA GLN A 218 6.93 -7.74 -8.36
C GLN A 218 7.57 -9.07 -7.93
N SER A 219 7.30 -9.51 -6.71
CA SER A 219 7.89 -10.76 -6.24
C SER A 219 7.54 -11.98 -7.14
N LEU A 220 6.26 -12.12 -7.49
CA LEU A 220 5.76 -13.25 -8.26
C LEU A 220 6.11 -13.08 -9.73
N ILE A 221 6.09 -11.82 -10.18
CA ILE A 221 6.60 -11.54 -11.52
C ILE A 221 8.03 -11.98 -11.69
N GLN A 222 8.91 -11.70 -10.73
CA GLN A 222 10.31 -12.14 -10.83
C GLN A 222 10.50 -13.62 -10.58
N PHE A 223 9.70 -14.24 -9.72
CA PHE A 223 9.71 -15.70 -9.61
C PHE A 223 9.33 -16.40 -10.93
N VAL A 224 8.21 -16.02 -11.53
CA VAL A 224 7.79 -16.61 -12.79
C VAL A 224 8.82 -16.46 -13.91
N ARG A 225 9.46 -15.29 -13.94
CA ARG A 225 10.44 -14.99 -14.97
C ARG A 225 11.67 -15.86 -14.72
N THR A 226 12.06 -16.01 -13.46
CA THR A 226 13.09 -16.98 -13.16
C THR A 226 12.75 -18.43 -13.53
N VAL A 227 11.60 -18.93 -13.09
CA VAL A 227 11.14 -20.25 -13.53
C VAL A 227 11.07 -20.47 -15.03
N ARG A 228 10.40 -19.59 -15.76
CA ARG A 228 10.37 -19.64 -17.22
C ARG A 228 11.76 -19.75 -17.86
N ASP A 229 12.70 -18.94 -17.36
CA ASP A 229 14.11 -19.00 -17.80
C ASP A 229 14.69 -20.42 -17.68
N TYR A 230 14.61 -21.06 -16.52
CA TYR A 230 14.96 -22.48 -16.38
C TYR A 230 14.16 -23.47 -17.23
N ILE A 231 12.85 -23.27 -17.34
CA ILE A 231 12.08 -24.10 -18.26
C ILE A 231 12.59 -23.90 -19.69
N ASN A 232 12.81 -22.66 -20.09
CA ASN A 232 13.36 -22.40 -21.42
C ASN A 232 14.62 -23.22 -21.70
N ARG A 233 15.51 -23.31 -20.70
CA ARG A 233 16.74 -24.08 -20.79
C ARG A 233 16.61 -25.54 -20.45
N SER A 234 15.45 -26.19 -20.52
CA SER A 234 15.37 -27.59 -20.11
C SER A 234 14.92 -28.34 -21.35
N PRO A 235 15.88 -28.53 -22.27
CA PRO A 235 15.71 -29.18 -23.55
C PRO A 235 15.28 -30.61 -23.22
N GLY A 236 14.20 -31.08 -23.86
CA GLY A 236 13.80 -32.48 -23.70
C GLY A 236 12.90 -32.76 -22.52
N ALA A 237 12.59 -31.76 -21.68
CA ALA A 237 11.82 -31.95 -20.45
C ALA A 237 10.35 -32.23 -20.77
N GLY A 238 9.74 -33.11 -19.99
CA GLY A 238 8.29 -33.28 -20.04
C GLY A 238 7.64 -32.03 -19.46
N PRO A 239 6.39 -32.20 -19.01
CA PRO A 239 5.60 -31.12 -18.43
C PRO A 239 6.35 -30.51 -17.25
N THR A 240 6.15 -29.22 -17.06
CA THR A 240 6.48 -28.61 -15.78
C THR A 240 5.40 -28.96 -14.74
N VAL A 241 5.81 -29.56 -13.62
CA VAL A 241 4.93 -29.65 -12.45
C VAL A 241 4.72 -28.34 -11.70
N VAL A 242 3.47 -27.98 -11.43
CA VAL A 242 3.09 -26.91 -10.50
C VAL A 242 2.09 -27.47 -9.52
N HIS A 243 2.36 -27.23 -8.24
CA HIS A 243 1.44 -27.55 -7.16
C HIS A 243 1.44 -26.44 -6.11
N CYS A 244 0.34 -26.45 -5.36
CA CYS A 244 0.16 -25.69 -4.12
C CYS A 244 -0.41 -26.65 -3.08
N SER A 245 -1.53 -26.27 -2.45
CA SER A 245 -2.21 -27.23 -1.54
C SER A 245 -3.21 -28.17 -2.26
N ALA A 246 -4.23 -27.58 -2.89
CA ALA A 246 -5.26 -28.27 -3.64
C ALA A 246 -4.83 -28.39 -5.09
N GLY A 247 -3.92 -27.52 -5.51
CA GLY A 247 -3.54 -27.50 -6.92
C GLY A 247 -4.54 -26.76 -7.78
N VAL A 248 -5.14 -25.68 -7.30
CA VAL A 248 -6.13 -24.93 -8.09
C VAL A 248 -5.86 -23.42 -8.02
N GLY A 249 -5.78 -22.84 -6.83
CA GLY A 249 -5.87 -21.37 -6.81
C GLY A 249 -4.53 -20.72 -7.09
N ARG A 250 -3.55 -20.94 -6.22
CA ARG A 250 -2.20 -20.41 -6.38
C ARG A 250 -1.41 -21.07 -7.50
N THR A 251 -1.60 -22.38 -7.69
CA THR A 251 -1.24 -23.03 -8.94
C THR A 251 -1.80 -22.37 -10.20
N GLY A 252 -3.11 -22.16 -10.21
CA GLY A 252 -3.67 -21.61 -11.45
C GLY A 252 -3.23 -20.18 -11.73
N THR A 253 -3.07 -19.38 -10.69
CA THR A 253 -2.58 -18.02 -10.83
C THR A 253 -1.15 -18.06 -11.30
N PHE A 254 -0.33 -18.95 -10.77
CA PHE A 254 1.07 -19.05 -11.22
C PHE A 254 1.03 -19.24 -12.73
N ILE A 255 0.20 -20.16 -13.19
CA ILE A 255 0.30 -20.59 -14.59
C ILE A 255 -0.32 -19.52 -15.46
N ALA A 256 -1.41 -18.94 -15.02
CA ALA A 256 -2.02 -17.88 -15.82
C ALA A 256 -0.99 -16.77 -16.03
N LEU A 257 -0.19 -16.47 -14.99
CA LEU A 257 0.84 -15.44 -15.03
C LEU A 257 1.98 -15.85 -15.96
N ASP A 258 2.46 -17.08 -15.82
CA ASP A 258 3.46 -17.62 -16.73
C ASP A 258 3.02 -17.45 -18.19
N ARG A 259 1.78 -17.88 -18.48
CA ARG A 259 1.19 -17.66 -19.81
C ARG A 259 1.12 -16.22 -20.30
N ILE A 260 0.65 -15.30 -19.46
CA ILE A 260 0.44 -13.92 -19.91
C ILE A 260 1.70 -13.09 -20.02
N LEU A 261 2.74 -13.43 -19.26
CA LEU A 261 3.95 -12.61 -19.29
C LEU A 261 4.64 -12.93 -20.61
N GLN A 262 4.41 -14.15 -21.10
CA GLN A 262 4.95 -14.55 -22.39
C GLN A 262 4.22 -13.84 -23.52
N GLN A 263 2.91 -13.69 -23.40
CA GLN A 263 2.13 -12.94 -24.39
C GLN A 263 2.63 -11.49 -24.44
N LEU A 264 2.90 -10.90 -23.27
CA LEU A 264 3.37 -9.51 -23.17
C LEU A 264 4.68 -9.26 -23.89
N ASP A 265 5.61 -10.20 -23.79
CA ASP A 265 6.89 -10.03 -24.49
C ASP A 265 6.57 -10.17 -25.96
N SER A 266 5.62 -11.06 -26.24
CA SER A 266 5.51 -11.82 -27.48
C SER A 266 4.59 -11.20 -28.54
N LYS A 267 3.64 -10.36 -28.11
CA LYS A 267 2.34 -10.24 -28.76
C LYS A 267 1.86 -8.82 -28.51
N ASP A 268 0.90 -8.38 -29.31
CA ASP A 268 0.26 -7.06 -29.18
C ASP A 268 -0.94 -7.11 -28.24
N SER A 269 -1.25 -8.32 -27.76
CA SER A 269 -2.41 -8.56 -26.91
C SER A 269 -2.15 -9.30 -25.61
N VAL A 270 -3.00 -9.05 -24.61
CA VAL A 270 -3.00 -9.88 -23.43
C VAL A 270 -4.38 -10.52 -23.17
N ASP A 271 -4.39 -11.84 -22.99
CA ASP A 271 -5.65 -12.54 -22.77
C ASP A 271 -5.74 -13.23 -21.38
N ILE A 272 -5.96 -12.46 -20.32
CA ILE A 272 -6.20 -12.97 -18.99
C ILE A 272 -7.43 -13.85 -18.80
N TYR A 273 -8.54 -13.40 -19.36
CA TYR A 273 -9.80 -14.15 -19.31
C TYR A 273 -9.67 -15.48 -20.02
N GLY A 274 -9.02 -15.47 -21.18
CA GLY A 274 -8.79 -16.69 -21.95
C GLY A 274 -7.78 -17.65 -21.35
N ALA A 275 -6.72 -17.16 -20.73
CA ALA A 275 -5.86 -18.00 -19.92
C ALA A 275 -6.63 -18.78 -18.84
N VAL A 276 -7.42 -18.08 -18.03
CA VAL A 276 -8.10 -18.62 -16.87
C VAL A 276 -9.21 -19.53 -17.34
N HIS A 277 -9.86 -19.14 -18.43
CA HIS A 277 -10.83 -19.98 -19.12
C HIS A 277 -10.25 -21.34 -19.57
N ASP A 278 -9.11 -21.37 -20.26
CA ASP A 278 -8.45 -22.59 -20.74
C ASP A 278 -8.08 -23.46 -19.56
N LEU A 279 -7.60 -22.84 -18.47
CA LEU A 279 -7.20 -23.57 -17.26
C LEU A 279 -8.40 -24.34 -16.71
N ARG A 280 -9.55 -23.67 -16.61
CA ARG A 280 -10.76 -24.21 -16.04
C ARG A 280 -11.34 -25.33 -16.86
N LEU A 281 -11.05 -25.34 -18.16
CA LEU A 281 -11.49 -26.46 -18.99
C LEU A 281 -10.77 -27.76 -18.61
N HIS A 282 -9.57 -27.57 -18.08
CA HIS A 282 -8.68 -28.63 -17.58
C HIS A 282 -8.75 -29.09 -16.10
N ARG A 283 -9.11 -28.22 -15.16
CA ARG A 283 -9.16 -28.62 -13.76
C ARG A 283 -10.05 -27.62 -13.07
N VAL A 284 -10.86 -28.12 -12.15
CA VAL A 284 -11.74 -27.27 -11.35
C VAL A 284 -11.03 -26.12 -10.66
N HIS A 285 -11.78 -25.04 -10.41
CA HIS A 285 -11.36 -23.85 -9.67
C HIS A 285 -10.02 -23.20 -10.00
N MET A 286 -9.38 -23.44 -11.14
CA MET A 286 -8.08 -22.80 -11.38
C MET A 286 -8.28 -21.29 -11.22
N VAL A 287 -7.36 -20.65 -10.51
CA VAL A 287 -7.47 -19.26 -10.05
C VAL A 287 -8.71 -19.18 -9.16
N GLN A 288 -8.54 -19.30 -7.84
CA GLN A 288 -9.65 -19.79 -7.03
C GLN A 288 -10.42 -18.69 -6.30
N THR A 289 -9.88 -17.48 -6.29
CA THR A 289 -10.55 -16.34 -5.68
C THR A 289 -10.36 -15.16 -6.63
N GLU A 290 -11.30 -14.22 -6.55
CA GLU A 290 -11.43 -13.13 -7.51
C GLU A 290 -10.24 -12.22 -7.30
N CYS A 291 -9.75 -12.26 -6.08
CA CYS A 291 -8.66 -11.40 -5.70
CA CYS A 291 -8.63 -11.45 -5.64
C CYS A 291 -7.42 -11.93 -6.42
N GLN A 292 -7.33 -13.24 -6.63
CA GLN A 292 -6.26 -13.78 -7.49
C GLN A 292 -6.40 -13.30 -8.95
N TYR A 293 -7.63 -13.30 -9.46
CA TYR A 293 -7.97 -12.70 -10.75
C TYR A 293 -7.67 -11.20 -10.87
N VAL A 294 -8.04 -10.40 -9.88
CA VAL A 294 -7.52 -9.03 -9.80
C VAL A 294 -5.99 -8.96 -9.84
N TYR A 295 -5.35 -9.68 -8.93
CA TYR A 295 -3.89 -9.68 -8.89
C TYR A 295 -3.27 -9.98 -10.26
N LEU A 296 -3.83 -10.88 -11.06
CA LEU A 296 -3.32 -11.07 -12.42
C LEU A 296 -3.35 -9.81 -13.28
N HIS A 297 -4.47 -9.08 -13.19
CA HIS A 297 -4.61 -7.84 -13.93
C HIS A 297 -3.62 -6.82 -13.36
N GLN A 298 -3.46 -6.75 -12.04
CA GLN A 298 -2.47 -5.82 -11.45
C GLN A 298 -1.05 -6.09 -11.91
N CYS A 299 -0.69 -7.35 -12.13
CA CYS A 299 0.67 -7.70 -12.53
C CYS A 299 1.01 -7.22 -13.95
N VAL A 300 0.09 -7.48 -14.89
CA VAL A 300 0.15 -6.97 -16.25
C VAL A 300 0.29 -5.43 -16.26
N ARG A 301 -0.61 -4.75 -15.56
CA ARG A 301 -0.62 -3.30 -15.37
C ARG A 301 0.73 -2.77 -14.84
N ASP A 302 1.26 -3.33 -13.77
CA ASP A 302 2.59 -2.94 -13.35
C ASP A 302 3.65 -3.23 -14.42
N VAL A 303 3.58 -4.36 -15.11
CA VAL A 303 4.65 -4.66 -16.07
C VAL A 303 4.58 -3.63 -17.20
N LEU A 304 3.35 -3.18 -17.49
CA LEU A 304 3.04 -2.27 -18.58
C LEU A 304 3.31 -0.82 -18.20
N ARG A 305 2.95 -0.41 -16.98
CA ARG A 305 3.37 0.86 -16.38
C ARG A 305 4.89 1.04 -16.35
N ALA A 306 5.61 -0.02 -16.03
CA ALA A 306 7.07 0.05 -15.89
C ALA A 306 7.74 0.10 -17.24
N ARG A 307 7.08 -0.37 -18.29
CA ARG A 307 7.69 -0.42 -19.61
C ARG A 307 7.22 0.74 -20.49
N THR B 19 12.35 11.64 -1.41
CA THR B 19 10.88 11.55 -1.63
C THR B 19 10.32 10.34 -0.88
N SER B 20 9.04 10.34 -0.55
CA SER B 20 8.33 9.11 -0.20
C SER B 20 9.02 7.95 0.52
N CYS B 21 8.30 7.38 1.48
CA CYS B 21 8.71 6.09 2.04
C CYS B 21 7.49 5.30 2.57
N PRO B 22 6.66 4.77 1.65
CA PRO B 22 5.35 4.28 2.05
C PRO B 22 5.43 2.95 2.79
N ILE B 23 4.62 2.81 3.83
CA ILE B 23 4.64 1.58 4.61
C ILE B 23 3.27 0.94 4.52
N LYS B 24 3.29 -0.37 4.25
CA LYS B 24 2.08 -1.17 4.20
C LYS B 24 1.44 -1.10 5.57
N ILE B 25 0.13 -0.88 5.59
CA ILE B 25 -0.70 -0.95 6.80
C ILE B 25 -0.43 -2.13 7.73
N ASN B 26 -0.54 -3.36 7.22
CA ASN B 26 -0.21 -4.54 8.02
C ASN B 26 1.22 -4.51 8.55
N GLN B 27 2.12 -3.85 7.82
CA GLN B 27 3.54 -3.94 8.16
C GLN B 27 3.92 -2.81 9.11
N PHE B 28 2.96 -1.96 9.44
CA PHE B 28 3.31 -0.80 10.25
C PHE B 28 3.99 -1.07 11.59
N GLU B 29 3.36 -1.88 12.43
CA GLU B 29 3.94 -2.11 13.75
C GLU B 29 5.36 -2.65 13.77
N GLY B 30 5.67 -3.64 12.94
CA GLY B 30 7.03 -4.14 12.83
C GLY B 30 8.01 -3.19 12.16
N HIS B 31 7.53 -2.47 11.14
CA HIS B 31 8.26 -1.29 10.68
C HIS B 31 8.67 -0.28 11.76
N PHE B 32 7.76 0.03 12.66
CA PHE B 32 8.05 1.03 13.68
C PHE B 32 9.02 0.42 14.73
N MET B 33 8.81 -0.85 15.07
CA MET B 33 9.72 -1.61 15.94
C MET B 33 11.17 -1.56 15.45
N LYS B 34 11.37 -1.79 14.14
CA LYS B 34 12.63 -1.57 13.45
C LYS B 34 13.22 -0.16 13.59
N LEU B 35 12.38 0.88 13.42
CA LEU B 35 12.89 2.24 13.56
C LEU B 35 13.25 2.58 15.01
N GLN B 36 12.52 1.96 15.94
CA GLN B 36 12.89 2.02 17.37
C GLN B 36 14.06 1.15 17.83
N ALA B 37 14.36 0.06 17.11
CA ALA B 37 15.57 -0.72 17.42
C ALA B 37 16.81 0.14 17.65
N ASP B 38 17.60 -0.23 18.66
CA ASP B 38 18.76 0.53 19.07
C ASP B 38 18.41 1.93 19.57
N SER B 39 17.33 2.02 20.35
CA SER B 39 16.67 3.29 20.66
C SER B 39 16.73 4.25 19.49
N ASN B 40 15.86 4.00 18.51
CA ASN B 40 15.82 4.70 17.23
C ASN B 40 17.18 4.94 16.57
N TYR B 41 17.89 3.89 16.16
CA TYR B 41 18.95 4.07 15.18
C TYR B 41 18.35 4.54 13.85
N LEU B 42 17.40 3.77 13.32
CA LEU B 42 16.88 3.99 11.98
C LEU B 42 16.02 5.25 11.86
N LEU B 43 15.00 5.37 12.72
CA LEU B 43 14.11 6.53 12.76
C LEU B 43 14.93 7.82 12.77
N SER B 44 15.79 7.92 13.78
CA SER B 44 16.80 8.98 13.87
C SER B 44 17.54 9.27 12.57
N LYS B 45 17.82 8.21 11.82
CA LYS B 45 18.51 8.33 10.55
C LYS B 45 17.62 8.89 9.45
N GLU B 46 16.46 8.27 9.27
CA GLU B 46 15.48 8.65 8.25
C GLU B 46 14.89 10.05 8.46
N TYR B 47 14.89 10.54 9.69
CA TYR B 47 14.53 11.92 10.01
C TYR B 47 15.62 12.89 9.55
N GLU B 48 16.85 12.38 9.56
CA GLU B 48 18.02 13.16 9.14
C GLU B 48 18.07 13.22 7.61
N GLU B 49 17.56 12.18 6.94
CA GLU B 49 17.40 12.27 5.50
C GLU B 49 16.67 13.55 5.10
N LEU B 50 15.71 13.99 5.91
CA LEU B 50 14.81 15.07 5.54
C LEU B 50 15.42 16.45 5.72
N LYS B 51 16.64 16.49 6.23
CA LYS B 51 17.21 17.76 6.69
C LYS B 51 17.45 18.74 5.56
N ASP B 52 17.63 18.28 4.33
CA ASP B 52 18.04 19.18 3.26
C ASP B 52 16.90 19.43 2.29
N VAL B 53 15.78 18.74 2.48
CA VAL B 53 14.66 18.85 1.57
C VAL B 53 14.34 20.33 1.58
N GLY B 54 14.45 20.94 0.40
CA GLY B 54 13.97 22.28 0.13
C GLY B 54 15.00 23.38 0.33
N ARG B 55 16.24 23.06 0.69
CA ARG B 55 17.21 24.04 1.21
CA ARG B 55 17.13 24.10 1.22
C ARG B 55 17.84 24.88 0.11
N ASN B 56 17.46 24.54 -1.11
CA ASN B 56 17.87 25.18 -2.33
C ASN B 56 17.14 26.49 -2.48
N GLN B 57 16.06 26.69 -1.72
CA GLN B 57 15.18 27.80 -2.04
C GLN B 57 15.43 29.04 -1.21
N SER B 58 15.28 30.20 -1.83
CA SER B 58 15.73 31.38 -1.13
C SER B 58 14.53 32.13 -0.52
N CYS B 59 14.83 33.18 0.23
CA CYS B 59 13.88 33.84 1.12
C CYS B 59 14.12 35.33 1.01
N ASP B 60 14.38 35.81 -0.20
CA ASP B 60 14.72 37.20 -0.45
C ASP B 60 13.67 38.22 -0.03
N ILE B 61 12.41 37.97 -0.33
CA ILE B 61 11.38 38.96 -0.03
C ILE B 61 11.16 39.03 1.49
N ALA B 62 11.35 37.94 2.22
CA ALA B 62 11.13 37.98 3.66
C ALA B 62 12.19 38.91 4.27
N LEU B 63 13.32 38.98 3.56
CA LEU B 63 14.52 39.66 4.03
C LEU B 63 14.57 41.11 3.58
N LEU B 64 13.58 41.59 2.83
CA LEU B 64 13.64 43.01 2.48
C LEU B 64 13.60 43.80 3.77
N PRO B 65 14.45 44.84 3.90
CA PRO B 65 14.43 45.79 5.02
C PRO B 65 13.04 46.18 5.50
N GLU B 66 12.12 46.47 4.59
CA GLU B 66 10.73 46.79 4.92
C GLU B 66 9.90 45.68 5.61
N ASN B 67 10.28 44.43 5.44
CA ASN B 67 9.42 43.37 5.93
C ASN B 67 9.98 42.92 7.26
N ARG B 68 11.07 43.57 7.65
CA ARG B 68 11.73 43.10 8.87
C ARG B 68 10.85 42.96 10.12
N GLY B 69 10.03 43.96 10.46
CA GLY B 69 9.14 43.84 11.62
C GLY B 69 7.97 42.84 11.49
N LYS B 70 7.82 42.23 10.31
CA LYS B 70 6.71 41.33 9.97
C LYS B 70 7.05 39.87 10.19
N ASN B 71 8.29 39.64 10.58
CA ASN B 71 8.65 38.30 10.98
C ASN B 71 8.77 38.13 12.50
N ARG B 72 7.99 37.19 13.05
CA ARG B 72 8.16 36.82 14.44
C ARG B 72 9.58 36.35 14.82
N TYR B 73 10.25 35.58 13.96
CA TYR B 73 11.56 35.03 14.32
C TYR B 73 12.31 35.31 13.04
N ASN B 74 13.50 35.89 13.16
CA ASN B 74 14.23 36.29 11.98
CA ASN B 74 14.27 36.29 12.00
C ASN B 74 14.82 35.17 11.12
N ASN B 75 14.86 33.96 11.68
CA ASN B 75 15.33 32.82 10.89
C ASN B 75 14.24 31.80 10.53
N ILE B 76 12.99 32.23 10.61
CA ILE B 76 11.88 31.40 10.14
C ILE B 76 11.02 32.24 9.18
N LEU B 77 11.25 32.02 7.89
CA LEU B 77 10.83 32.93 6.82
C LEU B 77 10.34 32.01 5.74
N PRO B 78 9.36 32.51 4.97
CA PRO B 78 8.81 31.71 3.87
C PRO B 78 9.77 31.75 2.67
N TYR B 79 9.89 30.66 1.92
CA TYR B 79 10.52 30.63 0.61
C TYR B 79 9.78 31.52 -0.41
N ASP B 80 10.53 32.36 -1.12
CA ASP B 80 9.94 33.20 -2.15
C ASP B 80 8.96 32.43 -3.02
N ALA B 81 9.31 31.20 -3.39
CA ALA B 81 8.57 30.45 -4.42
C ALA B 81 7.21 29.96 -3.88
N THR B 82 7.03 29.88 -2.56
CA THR B 82 5.79 29.28 -2.06
C THR B 82 5.00 30.16 -1.09
N ARG B 83 5.42 31.42 -0.95
CA ARG B 83 4.84 32.37 -0.02
C ARG B 83 3.42 32.77 -0.43
N VAL B 84 2.61 33.15 0.55
CA VAL B 84 1.28 33.70 0.31
C VAL B 84 1.45 35.20 0.14
N LYS B 85 0.94 35.75 -0.95
CA LYS B 85 1.05 37.18 -1.22
C LYS B 85 -0.26 37.88 -0.92
N LEU B 86 -0.16 39.04 -0.28
CA LEU B 86 -1.30 39.90 -0.02
C LEU B 86 -1.55 40.69 -1.31
N SER B 87 -2.80 41.02 -1.60
CA SER B 87 -3.06 41.76 -2.84
C SER B 87 -2.51 43.18 -2.71
N ASN B 88 -2.09 43.74 -3.85
CA ASN B 88 -1.48 45.08 -3.97
C ASN B 88 -1.93 46.13 -2.95
N CYS B 94 7.03 46.61 -0.05
CA CYS B 94 6.39 45.30 -0.01
C CYS B 94 5.12 45.30 0.82
N SER B 95 4.09 45.99 0.32
CA SER B 95 2.71 45.82 0.79
C SER B 95 2.17 44.41 0.58
N ASP B 96 2.89 43.57 -0.14
CA ASP B 96 2.41 42.21 -0.46
C ASP B 96 2.80 41.10 0.54
N TYR B 97 3.69 41.44 1.48
CA TYR B 97 4.41 40.45 2.31
C TYR B 97 3.62 40.02 3.53
N ILE B 98 3.44 38.71 3.66
CA ILE B 98 3.06 38.11 4.92
C ILE B 98 3.95 36.86 5.11
N ASN B 99 4.39 36.60 6.34
CA ASN B 99 5.10 35.35 6.65
C ASN B 99 4.09 34.24 6.58
N ALA B 100 3.81 33.80 5.35
CA ALA B 100 2.93 32.64 5.15
C ALA B 100 3.32 31.85 3.93
N SER B 101 2.93 30.57 3.87
CA SER B 101 3.31 29.70 2.78
C SER B 101 2.10 28.83 2.39
N TYR B 102 1.88 28.56 1.11
CA TYR B 102 0.93 27.51 0.66
C TYR B 102 1.60 26.13 0.75
N ILE B 103 0.84 25.11 1.17
CA ILE B 103 1.29 23.76 1.42
C ILE B 103 0.25 22.84 0.80
N PRO B 104 0.73 21.91 -0.06
CA PRO B 104 -0.15 20.83 -0.53
C PRO B 104 -0.67 19.87 0.54
N GLY B 105 -1.87 19.36 0.36
CA GLY B 105 -2.29 18.23 1.16
C GLY B 105 -2.52 16.93 0.41
N ASN B 106 -3.33 16.06 1.00
CA ASN B 106 -3.58 14.78 0.35
C ASN B 106 -4.17 14.93 -1.03
N ASN B 107 -4.80 16.08 -1.24
CA ASN B 107 -5.99 16.22 -2.06
C ASN B 107 -5.74 17.27 -3.13
N PHE B 108 -5.16 18.40 -2.77
CA PHE B 108 -4.87 19.45 -3.75
C PHE B 108 -3.64 20.24 -3.30
N ARG B 109 -3.11 21.04 -4.20
CA ARG B 109 -1.89 21.75 -3.95
C ARG B 109 -1.99 22.99 -3.10
N ARG B 110 -3.11 23.70 -3.04
CA ARG B 110 -3.04 24.81 -2.09
C ARG B 110 -4.05 24.50 -0.98
N GLU B 111 -3.81 23.37 -0.32
CA GLU B 111 -4.80 22.90 0.60
C GLU B 111 -4.72 23.63 1.98
N TYR B 112 -3.50 24.08 2.33
CA TYR B 112 -3.24 24.77 3.59
C TYR B 112 -2.52 26.04 3.27
N ILE B 113 -2.77 27.07 4.08
CA ILE B 113 -1.83 28.16 4.17
C ILE B 113 -1.29 28.04 5.58
N VAL B 114 0.02 27.98 5.69
CA VAL B 114 0.65 27.85 7.01
C VAL B 114 1.27 29.21 7.33
N THR B 115 1.25 29.62 8.60
CA THR B 115 1.70 31.00 8.83
C THR B 115 2.26 31.03 10.23
N GLN B 116 3.06 32.04 10.56
CA GLN B 116 3.47 32.26 11.94
C GLN B 116 2.31 32.71 12.84
N GLY B 117 2.41 32.60 14.16
CA GLY B 117 1.50 33.39 15.02
C GLY B 117 1.52 34.89 14.77
N PRO B 118 0.36 35.48 14.41
CA PRO B 118 0.36 36.93 14.17
C PRO B 118 0.99 37.74 15.31
N LEU B 119 1.73 38.78 14.91
CA LEU B 119 2.26 39.84 15.75
C LEU B 119 1.21 40.95 15.92
N PRO B 120 1.31 41.75 17.00
CA PRO B 120 0.40 42.91 17.07
C PRO B 120 0.42 43.74 15.78
N GLY B 121 1.58 43.85 15.13
CA GLY B 121 1.70 44.70 13.97
C GLY B 121 1.37 43.95 12.69
N THR B 122 1.08 42.65 12.71
CA THR B 122 0.73 41.92 11.48
C THR B 122 -0.68 41.33 11.51
N LYS B 123 -1.43 41.54 12.60
CA LYS B 123 -2.75 40.93 12.66
C LYS B 123 -3.75 41.34 11.58
N ASP B 124 -3.61 42.58 11.11
CA ASP B 124 -4.55 43.14 10.12
C ASP B 124 -4.23 42.46 8.78
N ASP B 125 -2.94 42.29 8.53
CA ASP B 125 -2.45 41.51 7.39
C ASP B 125 -2.96 40.06 7.39
N PHE B 126 -2.92 39.45 8.57
CA PHE B 126 -3.36 38.05 8.67
C PHE B 126 -4.84 38.00 8.32
N TRP B 127 -5.67 38.90 8.85
CA TRP B 127 -7.13 38.84 8.62
C TRP B 127 -7.45 39.17 7.14
N LYS B 128 -6.66 40.08 6.58
CA LYS B 128 -6.66 40.41 5.16
C LYS B 128 -6.38 39.22 4.25
N MET B 129 -5.34 38.47 4.57
CA MET B 129 -5.13 37.15 3.97
C MET B 129 -6.32 36.22 4.12
N VAL B 130 -6.88 36.14 5.32
CA VAL B 130 -7.94 35.17 5.55
C VAL B 130 -9.07 35.61 4.60
N TRP B 131 -9.24 36.93 4.45
CA TRP B 131 -10.31 37.46 3.60
C TRP B 131 -10.14 37.22 2.09
N GLU B 132 -9.02 37.69 1.54
CA GLU B 132 -8.64 37.47 0.17
C GLU B 132 -8.57 36.01 -0.25
N GLN B 133 -8.19 35.11 0.66
CA GLN B 133 -7.96 33.73 0.27
C GLN B 133 -9.18 32.87 0.56
N ASN B 134 -10.26 33.43 1.07
CA ASN B 134 -11.51 32.69 1.10
C ASN B 134 -11.43 31.55 2.11
N VAL B 135 -10.71 31.77 3.21
CA VAL B 135 -10.46 30.76 4.25
C VAL B 135 -11.70 30.69 5.15
N HIS B 136 -12.19 29.48 5.42
CA HIS B 136 -13.34 29.40 6.32
C HIS B 136 -12.87 28.68 7.56
N ASN B 137 -11.65 28.13 7.55
CA ASN B 137 -11.19 27.44 8.75
C ASN B 137 -9.79 27.83 9.17
N ILE B 138 -9.62 28.09 10.45
CA ILE B 138 -8.32 28.41 10.98
C ILE B 138 -7.98 27.44 12.11
N VAL B 139 -6.80 26.83 12.04
CA VAL B 139 -6.41 25.95 13.12
C VAL B 139 -5.19 26.57 13.83
N MET B 140 -5.33 26.65 15.16
CA MET B 140 -4.28 27.27 15.98
C MET B 140 -3.76 26.21 16.94
N VAL B 141 -2.49 25.85 16.84
CA VAL B 141 -1.98 24.83 17.73
C VAL B 141 -0.89 25.36 18.64
N THR B 142 -0.94 26.65 18.94
CA THR B 142 -0.11 27.22 19.98
C THR B 142 -1.06 27.85 21.01
N GLN B 143 -0.51 28.19 22.16
CA GLN B 143 -1.13 29.13 23.06
C GLN B 143 -0.42 30.44 22.80
N CYS B 144 -1.07 31.55 23.13
CA CYS B 144 -0.49 32.86 22.90
C CYS B 144 0.77 33.08 23.74
N VAL B 145 0.78 32.59 24.96
CA VAL B 145 1.93 32.71 25.84
C VAL B 145 2.09 31.34 26.49
N GLU B 146 3.28 30.77 26.62
CA GLU B 146 3.41 29.48 27.29
CA GLU B 146 3.39 29.50 27.32
C GLU B 146 4.42 29.69 28.42
N LYS B 147 4.04 29.43 29.66
CA LYS B 147 4.91 29.74 30.80
C LYS B 147 5.57 31.14 30.72
N GLY B 148 4.75 32.14 30.34
CA GLY B 148 5.27 33.48 30.28
C GLY B 148 6.02 33.86 29.03
N ARG B 149 6.39 32.89 28.18
CA ARG B 149 7.07 33.25 26.92
C ARG B 149 6.10 33.46 25.76
N VAL B 150 6.17 34.62 25.13
CA VAL B 150 5.30 35.06 24.06
C VAL B 150 5.39 34.12 22.83
N LYS B 151 4.27 33.60 22.36
CA LYS B 151 4.22 32.69 21.22
C LYS B 151 3.41 33.31 20.08
N CYS B 152 2.42 34.12 20.42
CA CYS B 152 1.42 34.47 19.40
C CYS B 152 0.58 35.60 19.94
N ASP B 153 0.33 36.61 19.12
CA ASP B 153 -0.58 37.65 19.60
C ASP B 153 -2.00 37.13 19.75
N HIS B 154 -2.79 37.75 20.63
CA HIS B 154 -4.20 37.39 20.75
C HIS B 154 -4.94 38.14 19.65
N TYR B 155 -4.84 37.60 18.44
CA TYR B 155 -5.20 38.42 17.31
C TYR B 155 -6.67 38.37 16.99
N TRP B 156 -7.49 37.67 17.80
CA TRP B 156 -8.93 37.81 17.70
C TRP B 156 -9.42 38.59 18.92
N PRO B 157 -10.72 38.96 18.94
CA PRO B 157 -11.32 39.74 20.03
C PRO B 157 -11.49 38.99 21.38
N ALA B 158 -11.51 39.74 22.48
CA ALA B 158 -11.61 39.13 23.81
C ALA B 158 -12.89 38.30 24.04
N ASP B 159 -14.01 38.81 23.56
CA ASP B 159 -15.35 38.40 23.97
C ASP B 159 -16.28 38.66 22.79
N GLN B 160 -17.58 38.88 23.00
CA GLN B 160 -18.49 39.19 21.89
C GLN B 160 -18.39 40.61 21.33
N ASP B 161 -17.53 41.45 21.90
CA ASP B 161 -17.27 42.81 21.42
CA ASP B 161 -17.43 42.80 21.35
C ASP B 161 -16.66 42.80 20.02
N SER B 162 -17.25 43.49 19.02
CA SER B 162 -16.60 43.64 17.70
C SER B 162 -15.40 44.58 17.64
N LEU B 163 -14.54 44.33 16.68
CA LEU B 163 -13.33 45.11 16.50
C LEU B 163 -13.05 45.24 15.02
N TYR B 164 -12.53 46.38 14.59
CA TYR B 164 -11.87 46.48 13.32
C TYR B 164 -10.48 45.85 13.24
N TYR B 165 -10.17 45.20 12.11
CA TYR B 165 -8.79 44.89 11.78
C TYR B 165 -8.53 45.40 10.38
N GLY B 166 -7.94 46.59 10.25
CA GLY B 166 -7.75 47.17 8.94
C GLY B 166 -9.11 47.56 8.37
N ASP B 167 -9.43 47.08 7.16
CA ASP B 167 -10.68 47.45 6.48
C ASP B 167 -11.79 46.44 6.73
N LEU B 168 -11.51 45.51 7.62
CA LEU B 168 -12.44 44.44 7.96
C LEU B 168 -12.98 44.71 9.36
N ILE B 169 -14.14 44.15 9.67
CA ILE B 169 -14.63 44.16 11.04
C ILE B 169 -14.93 42.71 11.39
N LEU B 170 -14.52 42.30 12.60
CA LEU B 170 -14.75 40.96 13.10
C LEU B 170 -15.66 40.97 14.32
N GLN B 171 -16.56 40.00 14.39
CA GLN B 171 -17.31 39.78 15.61
C GLN B 171 -17.19 38.29 15.96
N MET B 172 -16.86 38.02 17.23
CA MET B 172 -16.91 36.68 17.77
C MET B 172 -18.33 36.27 18.13
N LEU B 173 -18.86 35.31 17.37
CA LEU B 173 -20.24 34.91 17.49
C LEU B 173 -20.39 33.79 18.52
N SER B 174 -19.29 33.15 18.91
CA SER B 174 -19.39 32.07 19.88
C SER B 174 -18.02 31.50 20.22
N GLU B 175 -17.92 31.00 21.44
CA GLU B 175 -16.69 30.48 21.99
C GLU B 175 -16.97 29.25 22.86
N SER B 176 -16.74 28.04 22.36
CA SER B 176 -16.83 26.88 23.24
C SER B 176 -15.50 26.23 23.64
N VAL B 177 -15.24 26.31 24.94
CA VAL B 177 -13.97 25.99 25.57
C VAL B 177 -13.96 24.57 26.13
N LEU B 178 -13.40 23.66 25.35
CA LEU B 178 -13.20 22.27 25.77
C LEU B 178 -11.93 21.98 26.58
N PRO B 179 -11.80 20.74 27.07
CA PRO B 179 -10.64 20.50 27.92
C PRO B 179 -9.35 20.73 27.15
N GLU B 180 -9.26 20.24 25.92
CA GLU B 180 -8.01 20.42 25.17
C GLU B 180 -8.06 21.38 23.97
N TRP B 181 -9.24 21.88 23.63
CA TRP B 181 -9.38 22.74 22.48
C TRP B 181 -10.59 23.66 22.60
N THR B 182 -10.56 24.76 21.86
CA THR B 182 -11.63 25.75 21.93
C THR B 182 -11.92 26.01 20.46
N ILE B 183 -13.16 25.76 20.11
CA ILE B 183 -13.81 26.19 18.88
C ILE B 183 -14.47 27.58 19.02
N ARG B 184 -14.03 28.56 18.23
CA ARG B 184 -14.76 29.81 18.07
C ARG B 184 -15.30 29.99 16.66
N GLU B 185 -16.23 30.92 16.54
CA GLU B 185 -16.79 31.23 15.23
C GLU B 185 -16.77 32.73 15.13
N PHE B 186 -16.24 33.25 14.03
CA PHE B 186 -16.13 34.68 13.78
C PHE B 186 -16.94 35.06 12.54
N LYS B 187 -17.54 36.24 12.60
CA LYS B 187 -18.25 36.80 11.46
C LYS B 187 -17.33 37.93 10.98
N ILE B 188 -16.99 37.92 9.70
CA ILE B 188 -16.18 39.02 9.20
C ILE B 188 -16.89 39.75 8.07
N CYS B 189 -16.72 41.07 8.00
CA CYS B 189 -17.31 41.92 6.96
C CYS B 189 -16.24 42.72 6.24
N GLY B 190 -16.25 42.70 4.92
CA GLY B 190 -15.30 43.48 4.17
C GLY B 190 -15.91 44.04 2.90
N GLU B 191 -15.05 44.29 1.92
CA GLU B 191 -15.32 44.91 0.63
C GLU B 191 -16.41 44.27 -0.23
N GLU B 192 -16.53 42.94 -0.18
CA GLU B 192 -17.72 42.17 -0.59
C GLU B 192 -17.51 41.03 -1.59
N ALA B 196 -19.35 39.67 2.09
CA ALA B 196 -20.47 40.41 2.65
C ALA B 196 -20.90 39.94 4.06
N HIS B 197 -20.00 39.25 4.75
CA HIS B 197 -20.37 38.35 5.86
C HIS B 197 -20.00 36.89 5.54
N ARG B 198 -18.71 36.60 5.63
CA ARG B 198 -18.29 35.23 5.85
C ARG B 198 -18.26 34.83 7.34
N LEU B 199 -18.53 33.55 7.55
CA LEU B 199 -18.40 32.84 8.82
C LEU B 199 -17.12 32.02 8.80
N ILE B 200 -16.24 32.26 9.76
CA ILE B 200 -14.96 31.58 9.91
C ILE B 200 -14.94 30.78 11.21
N ARG B 201 -14.52 29.52 11.13
CA ARG B 201 -14.36 28.72 12.34
C ARG B 201 -12.92 28.65 12.75
N HIS B 202 -12.66 28.94 14.02
CA HIS B 202 -11.34 28.81 14.61
C HIS B 202 -11.27 27.62 15.59
N PHE B 203 -10.26 26.78 15.35
CA PHE B 203 -10.03 25.51 16.05
C PHE B 203 -8.73 25.69 16.82
N HIS B 204 -8.83 25.96 18.13
CA HIS B 204 -7.66 26.31 18.91
C HIS B 204 -7.23 25.17 19.83
N TYR B 205 -6.12 24.49 19.51
CA TYR B 205 -5.66 23.39 20.36
C TYR B 205 -4.71 23.87 21.45
N THR B 206 -4.99 23.56 22.71
CA THR B 206 -4.46 24.45 23.74
C THR B 206 -3.43 23.70 24.58
N VAL B 207 -3.23 22.41 24.31
CA VAL B 207 -2.33 21.64 25.15
C VAL B 207 -1.09 21.09 24.44
N TRP B 208 -0.55 21.83 23.48
CA TRP B 208 0.62 21.38 22.73
C TRP B 208 1.85 22.21 23.03
N PRO B 209 2.77 21.72 23.88
CA PRO B 209 3.92 22.58 24.22
C PRO B 209 4.86 22.91 23.03
N ASP B 210 5.28 24.17 22.95
CA ASP B 210 6.21 24.44 21.88
C ASP B 210 7.38 23.44 21.83
N HIS B 211 7.90 23.21 20.62
CA HIS B 211 8.91 22.16 20.33
C HIS B 211 8.59 20.76 20.86
N GLY B 212 7.37 20.53 21.34
CA GLY B 212 7.04 19.21 21.84
C GLY B 212 5.85 18.59 21.16
N VAL B 213 5.28 17.61 21.85
CA VAL B 213 4.18 16.79 21.37
C VAL B 213 3.09 16.86 22.44
N PRO B 214 1.83 16.65 22.04
CA PRO B 214 0.89 16.52 23.15
C PRO B 214 1.24 15.33 24.08
N GLU B 215 0.70 15.36 25.30
CA GLU B 215 0.78 14.29 26.27
C GLU B 215 0.24 12.94 25.76
N THR B 216 -0.82 12.94 24.95
CA THR B 216 -1.28 11.73 24.26
C THR B 216 -1.47 11.79 22.74
N THR B 217 -1.40 10.62 22.12
CA THR B 217 -1.72 10.48 20.70
C THR B 217 -3.21 10.71 20.42
N GLN B 218 -4.08 10.24 21.31
CA GLN B 218 -5.51 10.34 21.03
C GLN B 218 -6.07 11.76 21.08
N SER B 219 -5.40 12.66 21.80
CA SER B 219 -5.90 14.03 21.93
C SER B 219 -5.79 14.73 20.56
N LEU B 220 -4.63 14.66 19.92
CA LEU B 220 -4.43 15.33 18.65
C LEU B 220 -5.17 14.58 17.56
N ILE B 221 -5.11 13.25 17.60
CA ILE B 221 -5.97 12.44 16.74
C ILE B 221 -7.44 12.89 16.69
N GLN B 222 -8.07 13.05 17.85
CA GLN B 222 -9.47 13.46 17.90
C GLN B 222 -9.62 14.88 17.40
N PHE B 223 -8.63 15.72 17.65
CA PHE B 223 -8.67 17.12 17.23
C PHE B 223 -8.58 17.16 15.70
N VAL B 224 -7.57 16.51 15.12
CA VAL B 224 -7.48 16.42 13.67
C VAL B 224 -8.73 15.85 13.00
N ARG B 225 -9.28 14.78 13.57
CA ARG B 225 -10.46 14.18 12.99
C ARG B 225 -11.58 15.23 13.04
N THR B 226 -11.63 16.02 14.10
CA THR B 226 -12.70 17.04 14.25
C THR B 226 -12.57 18.16 13.23
N VAL B 227 -11.38 18.73 13.18
CA VAL B 227 -11.07 19.69 12.11
C VAL B 227 -11.37 19.14 10.70
N ARG B 228 -10.98 17.89 10.42
CA ARG B 228 -11.09 17.35 9.06
C ARG B 228 -12.58 17.24 8.70
N ASP B 229 -13.38 16.75 9.64
CA ASP B 229 -14.82 16.81 9.46
C ASP B 229 -15.42 18.17 9.04
N TYR B 230 -15.05 19.28 9.66
CA TYR B 230 -15.47 20.63 9.28
C TYR B 230 -14.86 21.18 7.99
N ILE B 231 -13.60 20.83 7.73
CA ILE B 231 -13.05 21.17 6.44
C ILE B 231 -13.88 20.43 5.37
N ASN B 232 -14.13 19.14 5.61
CA ASN B 232 -14.93 18.36 4.68
C ASN B 232 -16.33 18.94 4.39
N ARG B 233 -16.98 19.49 5.42
CA ARG B 233 -18.22 20.29 5.31
C ARG B 233 -18.06 21.73 4.89
N SER B 234 -16.91 22.18 4.39
CA SER B 234 -16.76 23.60 4.04
C SER B 234 -16.77 23.84 2.52
N PRO B 235 -17.91 23.58 1.86
CA PRO B 235 -17.95 23.62 0.39
C PRO B 235 -17.49 24.98 -0.09
N GLY B 236 -16.60 25.02 -1.08
CA GLY B 236 -16.16 26.31 -1.64
C GLY B 236 -15.09 27.11 -0.90
N ALA B 237 -14.59 26.60 0.22
CA ALA B 237 -13.58 27.33 0.97
C ALA B 237 -12.22 27.29 0.25
N GLY B 238 -11.46 28.38 0.41
CA GLY B 238 -10.04 28.37 0.08
C GLY B 238 -9.31 27.48 1.08
N PRO B 239 -7.99 27.71 1.16
CA PRO B 239 -7.10 26.90 1.98
C PRO B 239 -7.50 26.93 3.46
N THR B 240 -7.20 25.86 4.16
CA THR B 240 -7.33 25.89 5.61
C THR B 240 -6.11 26.63 6.15
N VAL B 241 -6.29 27.61 7.03
CA VAL B 241 -5.09 28.16 7.69
C VAL B 241 -4.66 27.31 8.88
N VAL B 242 -3.36 27.00 8.99
CA VAL B 242 -2.75 26.41 10.20
C VAL B 242 -1.56 27.26 10.67
N HIS B 243 -1.59 27.62 11.95
CA HIS B 243 -0.49 28.36 12.55
C HIS B 243 -0.12 27.81 13.92
N CYS B 244 1.12 28.08 14.32
CA CYS B 244 1.50 27.87 15.72
C CYS B 244 2.27 29.16 16.07
N SER B 245 3.49 29.01 16.57
CA SER B 245 4.29 30.23 16.81
C SER B 245 5.09 30.66 15.58
N ALA B 246 5.98 29.79 15.08
CA ALA B 246 6.78 30.03 13.88
C ALA B 246 6.05 29.58 12.63
N GLY B 247 5.06 28.69 12.81
CA GLY B 247 4.41 28.05 11.69
C GLY B 247 5.17 26.87 11.05
N VAL B 248 5.89 26.07 11.82
CA VAL B 248 6.77 25.03 11.26
C VAL B 248 6.57 23.73 12.04
N GLY B 249 6.77 23.72 13.35
CA GLY B 249 6.83 22.40 14.01
C GLY B 249 5.48 21.79 14.35
N ARG B 250 4.74 22.49 15.19
CA ARG B 250 3.45 22.00 15.62
C ARG B 250 2.47 22.16 14.46
N THR B 251 2.59 23.25 13.68
CA THR B 251 1.81 23.32 12.44
C THR B 251 2.09 22.14 11.47
N GLY B 252 3.36 21.85 11.18
CA GLY B 252 3.62 20.84 10.16
C GLY B 252 3.29 19.44 10.65
N THR B 253 3.35 19.29 11.97
CA THR B 253 2.94 18.04 12.61
C THR B 253 1.44 17.88 12.52
N PHE B 254 0.65 18.92 12.82
CA PHE B 254 -0.79 18.86 12.61
C PHE B 254 -1.11 18.35 11.20
N ILE B 255 -0.41 18.90 10.22
CA ILE B 255 -0.84 18.83 8.82
C ILE B 255 -0.33 17.47 8.37
N ALA B 256 0.83 17.03 8.87
CA ALA B 256 1.31 15.69 8.53
C ALA B 256 0.27 14.66 8.98
N LEU B 257 -0.24 14.85 10.20
CA LEU B 257 -1.21 13.96 10.81
C LEU B 257 -2.51 14.05 10.03
N ASP B 258 -2.91 15.26 9.67
CA ASP B 258 -4.14 15.42 8.90
C ASP B 258 -4.11 14.58 7.63
N ARG B 259 -2.96 14.57 6.96
CA ARG B 259 -2.81 13.78 5.74
C ARG B 259 -2.76 12.27 5.94
N ILE B 260 -2.06 11.81 6.98
CA ILE B 260 -1.80 10.39 7.15
C ILE B 260 -3.06 9.74 7.71
N LEU B 261 -3.93 10.53 8.31
CA LEU B 261 -5.14 9.95 8.89
C LEU B 261 -6.10 9.68 7.76
N GLN B 262 -6.00 10.52 6.72
CA GLN B 262 -6.77 10.32 5.50
C GLN B 262 -6.26 9.07 4.77
N GLN B 263 -4.95 8.96 4.58
CA GLN B 263 -4.38 7.78 3.95
C GLN B 263 -4.72 6.47 4.65
N LEU B 264 -4.92 6.51 5.97
CA LEU B 264 -5.30 5.32 6.70
C LEU B 264 -6.68 4.91 6.21
N ASP B 265 -7.49 5.91 5.89
CA ASP B 265 -8.90 5.68 5.55
C ASP B 265 -9.16 5.33 4.09
N SER B 266 -8.13 5.08 3.29
CA SER B 266 -8.38 4.98 1.86
C SER B 266 -7.26 4.25 1.12
N LYS B 267 -6.26 3.79 1.86
CA LYS B 267 -5.01 3.31 1.27
C LYS B 267 -4.65 2.10 2.11
N ASP B 268 -3.79 1.23 1.58
CA ASP B 268 -3.21 0.15 2.36
C ASP B 268 -1.74 0.49 2.61
N SER B 269 -1.39 1.75 2.34
CA SER B 269 -0.09 2.29 2.70
C SER B 269 -0.25 3.54 3.56
N VAL B 270 0.81 3.88 4.28
CA VAL B 270 0.92 5.17 4.96
C VAL B 270 2.31 5.75 4.69
N ASP B 271 2.34 7.00 4.24
CA ASP B 271 3.60 7.64 3.92
C ASP B 271 3.92 8.86 4.80
N ILE B 272 4.50 8.60 5.97
CA ILE B 272 4.84 9.63 6.93
C ILE B 272 6.09 10.41 6.52
N TYR B 273 7.12 9.66 6.11
CA TYR B 273 8.27 10.23 5.42
C TYR B 273 7.90 11.17 4.28
N GLY B 274 6.96 10.73 3.45
CA GLY B 274 6.57 11.48 2.27
C GLY B 274 5.77 12.72 2.61
N ALA B 275 4.88 12.64 3.60
CA ALA B 275 4.19 13.82 4.10
C ALA B 275 5.19 14.92 4.50
N VAL B 276 6.01 14.58 5.49
CA VAL B 276 7.07 15.47 5.98
C VAL B 276 7.97 15.97 4.84
N HIS B 277 8.27 15.09 3.90
CA HIS B 277 9.09 15.48 2.75
C HIS B 277 8.38 16.54 1.89
N ASP B 278 7.12 16.32 1.52
CA ASP B 278 6.35 17.31 0.77
C ASP B 278 6.25 18.61 1.57
N LEU B 279 6.04 18.54 2.88
CA LEU B 279 5.86 19.76 3.66
C LEU B 279 7.08 20.65 3.55
N ARG B 280 8.26 20.04 3.64
CA ARG B 280 9.54 20.74 3.64
C ARG B 280 9.93 21.32 2.29
N LEU B 281 9.43 20.72 1.22
CA LEU B 281 9.67 21.40 -0.04
C LEU B 281 8.99 22.78 -0.07
N HIS B 282 7.95 22.95 0.76
CA HIS B 282 7.13 24.15 0.80
C HIS B 282 7.45 25.17 1.90
N ARG B 283 8.04 24.74 3.01
CA ARG B 283 8.41 25.68 4.04
C ARG B 283 9.43 25.00 4.90
N VAL B 284 10.34 25.80 5.45
CA VAL B 284 11.45 25.37 6.27
C VAL B 284 10.91 24.72 7.54
N HIS B 285 11.65 23.72 8.01
CA HIS B 285 11.55 23.09 9.32
C HIS B 285 10.22 22.42 9.56
N MET B 286 9.39 22.24 8.55
CA MET B 286 8.10 21.60 8.87
C MET B 286 8.34 20.28 9.59
N VAL B 287 7.66 20.11 10.72
CA VAL B 287 7.93 19.02 11.65
C VAL B 287 9.34 19.16 12.23
N GLN B 288 9.45 19.96 13.30
CA GLN B 288 10.67 20.71 13.61
C GLN B 288 11.57 19.96 14.59
N THR B 289 11.04 18.99 15.32
CA THR B 289 11.85 18.13 16.20
C THR B 289 11.59 16.67 15.86
N GLU B 290 12.61 15.81 15.96
CA GLU B 290 12.51 14.35 15.83
C GLU B 290 11.45 13.70 16.72
N CYS B 291 11.34 14.20 17.95
CA CYS B 291 10.24 13.78 18.78
C CYS B 291 8.89 14.02 18.09
N GLN B 292 8.71 15.12 17.35
CA GLN B 292 7.45 15.28 16.61
C GLN B 292 7.26 14.19 15.55
N TYR B 293 8.33 13.90 14.82
CA TYR B 293 8.36 12.80 13.86
C TYR B 293 8.01 11.41 14.43
N VAL B 294 8.71 11.04 15.50
CA VAL B 294 8.32 9.89 16.32
C VAL B 294 6.84 9.92 16.65
N TYR B 295 6.33 11.05 17.10
CA TYR B 295 4.96 11.06 17.61
C TYR B 295 3.99 10.78 16.46
N LEU B 296 4.37 11.16 15.25
CA LEU B 296 3.59 10.88 14.04
C LEU B 296 3.38 9.37 13.82
N HIS B 297 4.52 8.68 13.84
CA HIS B 297 4.58 7.21 13.89
C HIS B 297 3.73 6.57 14.98
N GLN B 298 3.74 7.12 16.19
CA GLN B 298 2.98 6.59 17.34
C GLN B 298 1.47 6.80 17.19
N CYS B 299 1.04 7.90 16.58
CA CYS B 299 -0.38 8.10 16.27
C CYS B 299 -0.92 7.06 15.30
N VAL B 300 -0.19 6.85 14.19
CA VAL B 300 -0.50 5.74 13.30
C VAL B 300 -0.54 4.38 14.03
N ARG B 301 0.55 3.97 14.68
CA ARG B 301 0.52 2.72 15.45
C ARG B 301 -0.67 2.66 16.39
N ASP B 302 -0.83 3.66 17.26
CA ASP B 302 -2.01 3.74 18.11
C ASP B 302 -3.34 3.53 17.36
N VAL B 303 -3.52 4.17 16.22
CA VAL B 303 -4.82 4.19 15.51
C VAL B 303 -5.16 2.79 15.00
N LEU B 304 -4.17 2.15 14.38
CA LEU B 304 -4.25 0.82 13.76
C LEU B 304 -4.57 -0.26 14.78
N ARG B 305 -3.71 -0.38 15.79
CA ARG B 305 -3.88 -1.37 16.85
C ARG B 305 -5.16 -1.17 17.68
N ALA B 306 -5.97 -0.20 17.28
CA ALA B 306 -7.25 0.07 17.93
C ALA B 306 -8.45 -0.26 17.03
N ARG B 307 -8.22 -0.36 15.73
CA ARG B 307 -9.28 -0.50 14.73
C ARG B 307 -9.73 -1.95 14.54
N LYS B 308 -8.76 -2.83 14.28
CA LYS B 308 -9.02 -4.26 14.21
C LYS B 308 -9.30 -4.77 15.63
N LEU B 309 -10.57 -4.81 16.00
CA LEU B 309 -10.96 -5.03 17.39
C LEU B 309 -12.46 -5.30 17.57
#